data_7A7E
#
_entry.id   7A7E
#
_cell.length_a   79.642
_cell.length_b   85.104
_cell.length_c   126.975
_cell.angle_alpha   90.000
_cell.angle_beta   90.000
_cell.angle_gamma   90.000
#
_symmetry.space_group_name_H-M   'P 21 21 21'
#
loop_
_entity.id
_entity.type
_entity.pdbx_description
1 polymer 'Diguanylate cyclase TpbB'
2 non-polymer 'MAGNESIUM ION'
3 water water
#
_entity_poly.entity_id   1
_entity_poly.type   'polypeptide(L)'
_entity_poly.pdbx_seq_one_letter_code
;GSHSWQARLQDENASLAHQAHHDSLTSLPNRAFFEGRLSRALRDANEHREQLAVLFIDSDRFKEINDRLGHAAGDTVLVN
IAMRIRGQLRESDLVARLGGDEFAVLLAPLASGADALRIADNIIASMQAPIRLSDGSTVSTSLTIGIALYPEHADTPAAL
LHDADMAMYIAKRQARGSRRLAELNDPRILQEEKEIDSATPEAPPK
;
_entity_poly.pdbx_strand_id   A,B,C
#
loop_
_chem_comp.id
_chem_comp.type
_chem_comp.name
_chem_comp.formula
MG non-polymer 'MAGNESIUM ION' 'Mg 2'
#
# COMPACT_ATOMS: atom_id res chain seq x y z
N HIS A 21 -31.73 6.84 1.41
CA HIS A 21 -31.80 7.55 0.11
C HIS A 21 -31.63 6.54 -1.04
N HIS A 22 -32.21 6.83 -2.21
CA HIS A 22 -32.11 5.96 -3.36
C HIS A 22 -31.68 6.82 -4.55
N ASP A 23 -30.60 6.43 -5.26
CA ASP A 23 -30.03 7.24 -6.33
C ASP A 23 -31.10 7.55 -7.39
N SER A 24 -31.04 8.79 -7.92
CA SER A 24 -32.05 9.34 -8.81
C SER A 24 -32.13 8.56 -10.12
N LEU A 25 -30.98 8.09 -10.64
CA LEU A 25 -30.96 7.36 -11.90
C LEU A 25 -31.80 6.09 -11.80
N THR A 26 -31.51 5.21 -10.82
CA THR A 26 -31.97 3.82 -10.86
C THR A 26 -32.95 3.49 -9.74
N SER A 27 -33.08 4.41 -8.75
CA SER A 27 -33.99 4.34 -7.60
C SER A 27 -33.52 3.34 -6.54
N LEU A 28 -32.24 2.94 -6.62
CA LEU A 28 -31.69 1.86 -5.82
C LEU A 28 -30.97 2.44 -4.60
N PRO A 29 -31.04 1.77 -3.42
CA PRO A 29 -30.32 2.22 -2.22
C PRO A 29 -28.79 2.23 -2.36
N ASN A 30 -28.13 2.91 -1.43
CA ASN A 30 -26.68 3.00 -1.50
C ASN A 30 -26.03 2.06 -0.49
N ARG A 31 -24.70 2.03 -0.53
CA ARG A 31 -23.93 1.09 0.27
C ARG A 31 -24.35 1.18 1.74
N ALA A 32 -24.52 2.41 2.26
CA ALA A 32 -24.82 2.65 3.67
C ALA A 32 -26.02 1.81 4.07
N PHE A 33 -27.04 1.85 3.22
CA PHE A 33 -28.26 1.09 3.41
C PHE A 33 -27.92 -0.39 3.37
N PHE A 34 -27.21 -0.78 2.30
CA PHE A 34 -26.91 -2.17 2.03
C PHE A 34 -26.19 -2.80 3.22
N GLU A 35 -25.28 -2.05 3.83
CA GLU A 35 -24.47 -2.59 4.92
C GLU A 35 -25.36 -2.87 6.12
N GLY A 36 -26.31 -1.96 6.40
CA GLY A 36 -27.13 -2.10 7.59
C GLY A 36 -28.00 -3.33 7.46
N ARG A 37 -28.66 -3.40 6.31
CA ARG A 37 -29.48 -4.55 5.96
C ARG A 37 -28.68 -5.84 6.09
N LEU A 38 -27.48 -5.86 5.51
CA LEU A 38 -26.63 -7.03 5.57
C LEU A 38 -26.29 -7.34 7.02
N SER A 39 -26.00 -6.29 7.80
CA SER A 39 -25.71 -6.50 9.20
C SER A 39 -26.89 -7.19 9.88
N ARG A 40 -28.10 -6.62 9.72
CA ARG A 40 -29.32 -7.09 10.38
C ARG A 40 -29.60 -8.54 9.97
N ALA A 41 -29.38 -8.83 8.67
CA ALA A 41 -29.63 -10.11 8.02
C ALA A 41 -28.63 -11.16 8.48
N LEU A 42 -27.41 -10.70 8.78
CA LEU A 42 -26.36 -11.59 9.23
C LEU A 42 -26.65 -12.03 10.66
N ARG A 43 -26.94 -11.05 11.52
CA ARG A 43 -27.32 -11.31 12.91
C ARG A 43 -28.49 -12.30 12.91
N ASP A 44 -29.44 -12.03 12.03
CA ASP A 44 -30.63 -12.85 11.93
C ASP A 44 -30.25 -14.25 11.43
N ALA A 45 -29.54 -14.33 10.30
CA ALA A 45 -29.21 -15.63 9.69
C ALA A 45 -28.39 -16.50 10.63
N ASN A 46 -27.57 -15.86 11.47
CA ASN A 46 -26.80 -16.56 12.47
C ASN A 46 -27.76 -17.26 13.44
N GLU A 47 -28.73 -16.48 13.93
CA GLU A 47 -29.66 -16.95 14.96
C GLU A 47 -30.37 -18.22 14.50
N HIS A 48 -30.95 -18.24 13.30
CA HIS A 48 -31.72 -19.40 12.88
C HIS A 48 -30.82 -20.42 12.17
N ARG A 49 -29.50 -20.21 12.24
CA ARG A 49 -28.54 -21.18 11.74
C ARG A 49 -28.70 -21.37 10.23
N GLU A 50 -29.03 -20.29 9.51
CA GLU A 50 -29.37 -20.31 8.10
C GLU A 50 -28.26 -19.69 7.25
N GLN A 51 -28.46 -19.67 5.92
CA GLN A 51 -27.45 -19.18 4.97
C GLN A 51 -27.91 -17.91 4.27
N LEU A 52 -26.93 -17.04 3.93
CA LEU A 52 -27.17 -15.92 3.03
C LEU A 52 -25.99 -15.72 2.06
N ALA A 53 -26.21 -14.95 0.99
CA ALA A 53 -25.15 -14.71 0.01
C ALA A 53 -25.05 -13.23 -0.34
N VAL A 54 -23.80 -12.78 -0.56
CA VAL A 54 -23.55 -11.45 -1.11
C VAL A 54 -22.99 -11.60 -2.53
N LEU A 55 -23.59 -10.85 -3.45
CA LEU A 55 -23.15 -10.78 -4.83
C LEU A 55 -22.60 -9.39 -5.09
N PHE A 56 -21.38 -9.34 -5.62
CA PHE A 56 -20.79 -8.11 -6.13
C PHE A 56 -20.78 -8.15 -7.66
N ILE A 57 -21.44 -7.13 -8.26
CA ILE A 57 -21.77 -7.07 -9.68
C ILE A 57 -21.14 -5.85 -10.34
N ASP A 58 -20.37 -6.11 -11.41
CA ASP A 58 -19.74 -5.04 -12.16
C ASP A 58 -19.98 -5.29 -13.65
N SER A 59 -20.46 -4.25 -14.34
CA SER A 59 -20.70 -4.36 -15.77
C SER A 59 -19.39 -4.43 -16.52
N ASP A 60 -19.42 -5.10 -17.66
CA ASP A 60 -18.25 -5.19 -18.52
C ASP A 60 -18.36 -4.15 -19.63
N ARG A 61 -17.18 -3.63 -20.01
CA ARG A 61 -16.95 -2.73 -21.14
C ARG A 61 -17.68 -1.40 -20.93
N PHE A 62 -17.74 -0.92 -19.69
CA PHE A 62 -18.54 0.25 -19.38
C PHE A 62 -17.87 1.50 -19.91
N LYS A 63 -16.62 1.75 -19.53
CA LYS A 63 -15.88 2.91 -20.00
C LYS A 63 -15.94 2.97 -21.53
N GLU A 64 -15.56 1.86 -22.20
CA GLU A 64 -15.67 1.76 -23.66
C GLU A 64 -17.04 2.28 -24.13
N ILE A 65 -18.14 1.90 -23.47
CA ILE A 65 -19.48 2.30 -23.88
C ILE A 65 -19.61 3.82 -23.80
N ASN A 66 -19.25 4.41 -22.65
CA ASN A 66 -19.38 5.85 -22.48
C ASN A 66 -18.49 6.61 -23.46
N ASP A 67 -17.27 6.13 -23.67
CA ASP A 67 -16.35 6.75 -24.60
C ASP A 67 -16.98 6.70 -26.00
N ARG A 68 -17.18 5.49 -26.51
CA ARG A 68 -17.67 5.29 -27.87
C ARG A 68 -19.11 5.78 -28.04
N LEU A 69 -19.94 5.83 -26.99
CA LEU A 69 -21.37 6.11 -27.19
C LEU A 69 -21.97 7.14 -26.23
N GLY A 70 -21.26 7.54 -25.16
CA GLY A 70 -21.65 8.74 -24.42
C GLY A 70 -22.51 8.49 -23.18
N HIS A 71 -22.49 9.46 -22.27
CA HIS A 71 -23.16 9.37 -20.98
C HIS A 71 -24.55 8.76 -21.11
N ALA A 72 -25.43 9.43 -21.88
CA ALA A 72 -26.81 8.98 -22.06
C ALA A 72 -26.85 7.47 -22.27
N ALA A 73 -26.00 6.94 -23.18
CA ALA A 73 -25.98 5.52 -23.46
C ALA A 73 -25.65 4.71 -22.20
N GLY A 74 -24.52 5.05 -21.56
CA GLY A 74 -24.12 4.53 -20.26
C GLY A 74 -25.30 4.46 -19.29
N ASP A 75 -25.95 5.61 -19.06
CA ASP A 75 -27.04 5.68 -18.11
C ASP A 75 -28.10 4.65 -18.47
N THR A 76 -28.35 4.50 -19.77
CA THR A 76 -29.40 3.62 -20.27
C THR A 76 -29.06 2.21 -19.85
N VAL A 77 -27.81 1.82 -20.14
CA VAL A 77 -27.24 0.54 -19.76
C VAL A 77 -27.35 0.32 -18.24
N LEU A 78 -27.08 1.35 -17.44
CA LEU A 78 -27.17 1.21 -16.00
C LEU A 78 -28.61 0.88 -15.60
N VAL A 79 -29.54 1.64 -16.18
CA VAL A 79 -30.95 1.49 -15.81
C VAL A 79 -31.41 0.08 -16.17
N ASN A 80 -31.04 -0.36 -17.37
CA ASN A 80 -31.34 -1.71 -17.82
C ASN A 80 -30.76 -2.76 -16.87
N ILE A 81 -29.47 -2.60 -16.53
CA ILE A 81 -28.79 -3.59 -15.71
C ILE A 81 -29.54 -3.72 -14.40
N ALA A 82 -29.75 -2.55 -13.77
CA ALA A 82 -30.54 -2.46 -12.55
C ALA A 82 -31.87 -3.19 -12.69
N MET A 83 -32.62 -2.95 -13.79
CA MET A 83 -33.92 -3.59 -13.99
C MET A 83 -33.79 -5.11 -14.10
N ARG A 84 -32.75 -5.56 -14.82
CA ARG A 84 -32.56 -6.97 -15.09
C ARG A 84 -32.10 -7.72 -13.84
N ILE A 85 -31.24 -7.09 -13.03
CA ILE A 85 -30.85 -7.66 -11.75
C ILE A 85 -32.09 -7.86 -10.89
N ARG A 86 -32.92 -6.82 -10.71
CA ARG A 86 -34.03 -6.97 -9.77
C ARG A 86 -35.00 -8.01 -10.32
N GLY A 87 -34.91 -8.24 -11.64
CA GLY A 87 -35.78 -9.16 -12.33
C GLY A 87 -35.58 -10.59 -11.88
N GLN A 88 -34.53 -10.84 -11.12
CA GLN A 88 -34.07 -12.20 -10.90
C GLN A 88 -34.09 -12.50 -9.41
N LEU A 89 -34.42 -11.47 -8.62
CA LEU A 89 -34.42 -11.56 -7.19
C LEU A 89 -35.80 -11.97 -6.70
N ARG A 90 -35.90 -12.20 -5.39
CA ARG A 90 -37.19 -12.41 -4.75
C ARG A 90 -37.43 -11.20 -3.83
N GLU A 91 -38.69 -11.00 -3.46
CA GLU A 91 -39.11 -9.79 -2.75
C GLU A 91 -38.22 -9.58 -1.54
N SER A 92 -37.53 -10.64 -1.13
CA SER A 92 -36.81 -10.69 0.13
C SER A 92 -35.35 -10.22 -0.05
N ASP A 93 -34.85 -10.29 -1.29
CA ASP A 93 -33.48 -9.96 -1.68
C ASP A 93 -33.34 -8.46 -1.87
N LEU A 94 -32.09 -7.96 -1.97
CA LEU A 94 -31.86 -6.52 -2.01
C LEU A 94 -30.77 -6.20 -3.04
N VAL A 95 -31.03 -5.18 -3.88
CA VAL A 95 -30.01 -4.59 -4.73
C VAL A 95 -29.73 -3.17 -4.28
N ALA A 96 -28.45 -2.88 -4.04
CA ALA A 96 -27.96 -1.51 -3.88
C ALA A 96 -26.99 -1.22 -5.01
N ARG A 97 -26.83 0.07 -5.29
CA ARG A 97 -25.85 0.54 -6.24
C ARG A 97 -24.69 1.06 -5.42
N LEU A 98 -23.54 0.44 -5.60
CA LEU A 98 -22.34 0.84 -4.88
C LEU A 98 -21.86 2.19 -5.41
N GLY A 99 -21.80 2.30 -6.74
CA GLY A 99 -21.33 3.44 -7.50
C GLY A 99 -20.94 2.95 -8.90
N GLY A 100 -20.91 3.85 -9.89
CA GLY A 100 -20.46 3.47 -11.23
C GLY A 100 -21.34 2.36 -11.80
N ASP A 101 -20.70 1.38 -12.47
CA ASP A 101 -21.44 0.26 -13.05
C ASP A 101 -21.56 -0.87 -12.03
N GLU A 102 -21.34 -0.57 -10.74
CA GLU A 102 -21.15 -1.64 -9.78
C GLU A 102 -22.31 -1.66 -8.79
N PHE A 103 -22.84 -2.87 -8.53
CA PHE A 103 -23.98 -3.08 -7.65
C PHE A 103 -23.70 -4.19 -6.64
N ALA A 104 -24.33 -4.11 -5.46
CA ALA A 104 -24.26 -5.12 -4.42
C ALA A 104 -25.63 -5.75 -4.23
N VAL A 105 -25.62 -7.06 -4.01
CA VAL A 105 -26.87 -7.80 -3.96
C VAL A 105 -26.88 -8.74 -2.75
N LEU A 106 -27.94 -8.63 -1.95
CA LEU A 106 -28.10 -9.45 -0.76
C LEU A 106 -29.17 -10.50 -1.04
N LEU A 107 -28.80 -11.78 -0.87
CA LEU A 107 -29.68 -12.92 -1.10
C LEU A 107 -29.93 -13.60 0.23
N ALA A 108 -31.06 -13.25 0.85
CA ALA A 108 -31.44 -13.75 2.16
C ALA A 108 -32.94 -13.95 2.13
N PRO A 109 -33.49 -15.02 2.77
CA PRO A 109 -32.70 -16.16 3.23
C PRO A 109 -32.35 -17.05 2.03
N LEU A 110 -31.47 -18.01 2.29
CA LEU A 110 -30.94 -18.86 1.24
C LEU A 110 -31.07 -20.32 1.68
N ALA A 111 -31.59 -21.14 0.77
CA ALA A 111 -31.67 -22.58 1.00
C ALA A 111 -30.28 -23.20 0.90
N SER A 112 -29.55 -22.80 -0.14
CA SER A 112 -28.26 -23.39 -0.45
C SER A 112 -27.40 -22.42 -1.25
N GLY A 113 -26.06 -22.59 -1.13
CA GLY A 113 -25.09 -21.93 -1.98
C GLY A 113 -25.45 -22.11 -3.45
N ALA A 114 -25.89 -23.32 -3.77
CA ALA A 114 -26.38 -23.67 -5.08
C ALA A 114 -27.30 -22.55 -5.56
N ASP A 115 -28.22 -22.14 -4.67
CA ASP A 115 -29.26 -21.19 -5.02
C ASP A 115 -28.61 -19.88 -5.47
N ALA A 116 -27.58 -19.47 -4.71
CA ALA A 116 -26.85 -18.26 -5.00
C ALA A 116 -26.21 -18.40 -6.39
N LEU A 117 -25.46 -19.48 -6.60
CA LEU A 117 -24.90 -19.72 -7.92
C LEU A 117 -25.98 -19.55 -8.98
N ARG A 118 -27.11 -20.26 -8.81
CA ARG A 118 -28.18 -20.33 -9.78
C ARG A 118 -28.68 -18.92 -10.09
N ILE A 119 -28.92 -18.13 -9.04
CA ILE A 119 -29.43 -16.77 -9.25
C ILE A 119 -28.41 -15.98 -10.08
N ALA A 120 -27.14 -16.02 -9.65
CA ALA A 120 -26.04 -15.41 -10.39
C ALA A 120 -26.07 -15.79 -11.88
N ASP A 121 -26.29 -17.10 -12.13
CA ASP A 121 -26.32 -17.62 -13.47
C ASP A 121 -27.44 -16.96 -14.25
N ASN A 122 -28.56 -16.73 -13.57
CA ASN A 122 -29.69 -16.12 -14.24
C ASN A 122 -29.44 -14.64 -14.51
N ILE A 123 -28.87 -13.92 -13.54
CA ILE A 123 -28.50 -12.53 -13.76
C ILE A 123 -27.56 -12.45 -14.95
N ILE A 124 -26.58 -13.37 -14.99
CA ILE A 124 -25.64 -13.38 -16.10
C ILE A 124 -26.40 -13.61 -17.39
N ALA A 125 -27.27 -14.64 -17.45
CA ALA A 125 -27.97 -14.97 -18.68
C ALA A 125 -28.93 -13.85 -19.08
N SER A 126 -29.37 -13.09 -18.09
CA SER A 126 -30.28 -12.01 -18.39
C SER A 126 -29.61 -11.09 -19.41
N MET A 127 -28.27 -11.05 -19.39
CA MET A 127 -27.59 -10.05 -20.21
C MET A 127 -27.43 -10.53 -21.66
N GLN A 128 -27.84 -11.76 -21.98
CA GLN A 128 -27.75 -12.21 -23.37
C GLN A 128 -28.61 -11.30 -24.25
N ALA A 129 -29.58 -10.59 -23.66
CA ALA A 129 -30.47 -9.74 -24.41
C ALA A 129 -29.82 -8.39 -24.66
N PRO A 130 -29.85 -7.85 -25.89
CA PRO A 130 -29.28 -6.53 -26.18
C PRO A 130 -30.09 -5.42 -25.52
N ILE A 131 -29.49 -4.23 -25.39
CA ILE A 131 -30.13 -3.12 -24.69
C ILE A 131 -30.42 -2.01 -25.71
N ARG A 132 -31.70 -1.57 -25.79
CA ARG A 132 -32.13 -0.54 -26.73
C ARG A 132 -31.64 0.83 -26.27
N LEU A 133 -30.93 1.53 -27.13
CA LEU A 133 -30.47 2.86 -26.81
C LEU A 133 -31.52 3.88 -27.25
N SER A 134 -31.34 5.13 -26.82
CA SER A 134 -32.25 6.23 -27.10
C SER A 134 -32.41 6.51 -28.60
N ASP A 135 -31.46 6.07 -29.43
CA ASP A 135 -31.54 6.32 -30.85
C ASP A 135 -32.05 5.07 -31.55
N GLY A 136 -32.47 4.08 -30.75
CA GLY A 136 -33.00 2.85 -31.27
C GLY A 136 -31.92 1.83 -31.67
N SER A 137 -30.64 2.17 -31.47
CA SER A 137 -29.60 1.18 -31.66
C SER A 137 -29.46 0.28 -30.43
N THR A 138 -28.53 -0.67 -30.48
CA THR A 138 -28.52 -1.78 -29.54
C THR A 138 -27.11 -2.10 -29.09
N VAL A 139 -26.90 -2.22 -27.77
CA VAL A 139 -25.62 -2.67 -27.24
C VAL A 139 -25.78 -3.98 -26.51
N SER A 140 -24.75 -4.82 -26.58
CA SER A 140 -24.66 -6.03 -25.78
C SER A 140 -23.46 -5.95 -24.84
N THR A 141 -23.65 -6.27 -23.56
CA THR A 141 -22.54 -6.39 -22.64
C THR A 141 -22.76 -7.56 -21.69
N SER A 142 -21.86 -7.62 -20.68
CA SER A 142 -21.79 -8.70 -19.71
C SER A 142 -21.78 -8.09 -18.32
N LEU A 143 -22.09 -8.92 -17.34
CA LEU A 143 -21.72 -8.59 -15.98
C LEU A 143 -20.70 -9.61 -15.48
N THR A 144 -19.88 -9.14 -14.54
CA THR A 144 -19.07 -10.05 -13.77
C THR A 144 -19.55 -10.02 -12.32
N ILE A 145 -19.64 -11.22 -11.74
CA ILE A 145 -20.25 -11.43 -10.44
C ILE A 145 -19.30 -12.21 -9.55
N GLY A 146 -18.93 -11.60 -8.43
CA GLY A 146 -18.28 -12.32 -7.35
C GLY A 146 -19.29 -12.66 -6.27
N ILE A 147 -19.22 -13.89 -5.74
CA ILE A 147 -20.16 -14.37 -4.74
C ILE A 147 -19.45 -14.78 -3.46
N ALA A 148 -20.00 -14.35 -2.31
CA ALA A 148 -19.45 -14.75 -1.03
C ALA A 148 -20.59 -15.25 -0.14
N LEU A 149 -20.48 -16.51 0.29
CA LEU A 149 -21.46 -17.19 1.12
C LEU A 149 -21.22 -16.96 2.61
N TYR A 150 -22.35 -16.92 3.32
CA TYR A 150 -22.39 -17.04 4.77
C TYR A 150 -23.06 -18.38 5.13
N PRO A 151 -22.48 -19.14 6.09
CA PRO A 151 -21.24 -18.74 6.76
C PRO A 151 -19.92 -19.31 6.22
N GLU A 152 -19.94 -20.05 5.10
CA GLU A 152 -18.75 -20.65 4.51
C GLU A 152 -17.57 -19.68 4.40
N HIS A 153 -17.77 -18.41 4.03
CA HIS A 153 -16.60 -17.60 3.75
C HIS A 153 -16.28 -16.63 4.88
N ALA A 154 -17.31 -15.98 5.41
CA ALA A 154 -17.06 -14.92 6.36
C ALA A 154 -18.28 -14.81 7.24
N ASP A 155 -18.15 -14.06 8.34
CA ASP A 155 -19.27 -13.95 9.26
C ASP A 155 -19.39 -12.52 9.76
N THR A 156 -18.83 -11.57 9.01
CA THR A 156 -19.02 -10.16 9.30
C THR A 156 -19.36 -9.45 8.00
N PRO A 157 -20.17 -8.37 8.06
CA PRO A 157 -20.53 -7.63 6.85
C PRO A 157 -19.24 -7.31 6.08
N ALA A 158 -18.32 -6.62 6.77
CA ALA A 158 -17.14 -6.06 6.14
C ALA A 158 -16.42 -7.17 5.37
N ALA A 159 -16.21 -8.28 6.08
CA ALA A 159 -15.45 -9.41 5.55
C ALA A 159 -16.15 -9.96 4.32
N LEU A 160 -17.44 -10.26 4.47
CA LEU A 160 -18.26 -10.85 3.39
C LEU A 160 -18.18 -9.96 2.17
N LEU A 161 -18.51 -8.69 2.34
CA LEU A 161 -18.40 -7.70 1.27
C LEU A 161 -17.05 -7.81 0.59
N HIS A 162 -15.96 -7.63 1.37
CA HIS A 162 -14.60 -7.70 0.87
C HIS A 162 -14.42 -8.95 0.00
N ASP A 163 -14.89 -10.09 0.51
CA ASP A 163 -14.64 -11.37 -0.15
C ASP A 163 -15.31 -11.38 -1.52
N ALA A 164 -16.55 -10.91 -1.57
CA ALA A 164 -17.30 -10.84 -2.82
C ALA A 164 -16.57 -9.91 -3.77
N ASP A 165 -16.18 -8.74 -3.25
CA ASP A 165 -15.45 -7.69 -3.96
C ASP A 165 -14.26 -8.35 -4.66
N MET A 166 -13.49 -9.12 -3.90
CA MET A 166 -12.27 -9.70 -4.43
C MET A 166 -12.61 -10.75 -5.47
N ALA A 167 -13.66 -11.55 -5.18
CA ALA A 167 -14.00 -12.65 -6.06
C ALA A 167 -14.35 -12.08 -7.43
N MET A 168 -15.00 -10.91 -7.40
CA MET A 168 -15.36 -10.25 -8.62
C MET A 168 -14.10 -9.84 -9.38
N TYR A 169 -13.11 -9.28 -8.65
CA TYR A 169 -11.91 -8.81 -9.31
C TYR A 169 -11.30 -10.00 -10.02
N ILE A 170 -11.14 -11.07 -9.26
CA ILE A 170 -10.50 -12.25 -9.79
C ILE A 170 -11.29 -12.70 -11.02
N ALA A 171 -12.61 -12.69 -10.94
CA ALA A 171 -13.44 -13.12 -12.06
C ALA A 171 -13.23 -12.25 -13.30
N LYS A 172 -13.26 -10.93 -13.15
CA LYS A 172 -13.04 -10.01 -14.29
C LYS A 172 -11.70 -10.37 -14.93
N ARG A 173 -10.68 -10.54 -14.11
CA ARG A 173 -9.30 -10.85 -14.56
C ARG A 173 -9.24 -12.22 -15.23
N GLN A 174 -9.88 -13.24 -14.65
CA GLN A 174 -9.81 -14.58 -15.28
C GLN A 174 -10.64 -14.68 -16.55
N ALA A 175 -11.90 -14.27 -16.53
CA ALA A 175 -12.75 -14.29 -17.74
C ALA A 175 -13.93 -13.33 -17.55
N ARG A 176 -14.08 -12.33 -18.38
CA ARG A 176 -15.19 -11.38 -18.16
C ARG A 176 -16.54 -12.04 -18.47
N GLY A 177 -17.59 -11.58 -17.81
CA GLY A 177 -18.96 -12.11 -18.02
C GLY A 177 -19.26 -13.37 -17.24
N SER A 178 -18.51 -13.66 -16.19
CA SER A 178 -18.72 -14.91 -15.43
C SER A 178 -18.96 -14.63 -13.96
N ARG A 179 -19.41 -15.65 -13.22
CA ARG A 179 -19.65 -15.57 -11.77
C ARG A 179 -18.60 -16.45 -11.09
N ARG A 180 -18.09 -16.03 -9.94
CA ARG A 180 -17.07 -16.81 -9.27
C ARG A 180 -17.30 -16.74 -7.76
N LEU A 181 -17.20 -17.91 -7.13
CA LEU A 181 -17.25 -18.02 -5.68
C LEU A 181 -15.93 -17.58 -5.08
N ALA A 182 -16.00 -16.79 -4.00
CA ALA A 182 -14.86 -16.54 -3.13
C ALA A 182 -14.28 -17.89 -2.71
N GLU A 183 -12.94 -18.00 -2.72
CA GLU A 183 -12.27 -19.16 -2.16
C GLU A 183 -11.45 -18.72 -0.96
N LEU A 184 -10.97 -19.69 -0.17
CA LEU A 184 -10.27 -19.35 1.06
C LEU A 184 -8.83 -18.87 0.82
N ASN A 185 -8.25 -19.27 -0.32
CA ASN A 185 -6.90 -18.87 -0.73
C ASN A 185 -6.95 -17.67 -1.67
N ASP A 186 -8.06 -16.91 -1.62
CA ASP A 186 -8.27 -15.77 -2.52
C ASP A 186 -7.16 -14.74 -2.32
N PRO A 187 -6.72 -14.40 -1.07
CA PRO A 187 -5.62 -13.44 -0.88
C PRO A 187 -4.25 -13.83 -1.44
N ARG A 188 -4.01 -15.15 -1.55
CA ARG A 188 -2.83 -15.74 -2.20
C ARG A 188 -2.95 -15.64 -3.73
N ILE A 189 -4.19 -15.78 -4.24
CA ILE A 189 -4.41 -15.63 -5.68
C ILE A 189 -4.28 -14.16 -6.09
N LEU A 190 -4.67 -13.24 -5.18
CA LEU A 190 -4.54 -11.79 -5.36
C LEU A 190 -3.09 -11.39 -5.30
N GLN A 191 -2.31 -12.06 -4.41
CA GLN A 191 -0.89 -11.78 -4.27
C GLN A 191 -0.10 -12.29 -5.49
N GLU A 192 -0.53 -13.41 -6.10
CA GLU A 192 0.05 -13.92 -7.34
C GLU A 192 -0.91 -13.69 -8.52
N LEU B 16 -10.86 31.98 -6.50
CA LEU B 16 -9.41 32.34 -6.38
C LEU B 16 -8.52 31.14 -6.69
N ALA B 17 -7.58 31.32 -7.64
CA ALA B 17 -6.59 30.31 -7.98
C ALA B 17 -5.42 30.35 -6.99
N HIS B 18 -5.45 29.42 -6.03
CA HIS B 18 -4.32 29.15 -5.15
C HIS B 18 -3.91 27.70 -5.29
N GLN B 19 -2.77 27.43 -5.94
CA GLN B 19 -2.25 26.09 -6.13
C GLN B 19 -1.22 25.81 -5.04
N ALA B 20 -1.23 24.58 -4.50
CA ALA B 20 -0.13 24.16 -3.66
C ALA B 20 1.13 24.00 -4.51
N HIS B 21 2.27 23.91 -3.83
CA HIS B 21 3.58 23.78 -4.43
C HIS B 21 3.63 22.56 -5.33
N HIS B 22 4.05 22.75 -6.58
CA HIS B 22 4.35 21.64 -7.48
C HIS B 22 5.85 21.60 -7.71
N ASP B 23 6.45 20.41 -7.59
CA ASP B 23 7.88 20.22 -7.85
C ASP B 23 8.19 20.56 -9.32
N SER B 24 9.44 20.99 -9.56
CA SER B 24 9.80 21.53 -10.86
C SER B 24 9.88 20.41 -11.89
N LEU B 25 10.30 19.23 -11.45
CA LEU B 25 10.60 18.18 -12.40
C LEU B 25 9.31 17.60 -12.98
N THR B 26 8.27 17.42 -12.14
CA THR B 26 7.11 16.62 -12.52
C THR B 26 5.80 17.37 -12.30
N SER B 27 5.91 18.63 -11.82
CA SER B 27 4.79 19.51 -11.52
C SER B 27 3.76 18.79 -10.66
N LEU B 28 4.22 17.94 -9.73
CA LEU B 28 3.32 17.24 -8.84
C LEU B 28 3.44 17.80 -7.44
N PRO B 29 2.36 17.70 -6.62
CA PRO B 29 2.39 18.23 -5.26
C PRO B 29 3.14 17.31 -4.30
N ASN B 30 3.30 17.78 -3.06
CA ASN B 30 4.10 17.08 -2.07
C ASN B 30 3.17 16.46 -1.02
N ARG B 31 3.77 15.68 -0.12
CA ARG B 31 3.02 14.84 0.79
C ARG B 31 2.14 15.71 1.67
N ALA B 32 2.67 16.88 2.05
CA ALA B 32 1.94 17.87 2.82
C ALA B 32 0.56 18.06 2.20
N PHE B 33 0.55 18.34 0.89
CA PHE B 33 -0.68 18.46 0.13
C PHE B 33 -1.45 17.15 0.16
N PHE B 34 -0.81 16.03 -0.22
CA PHE B 34 -1.53 14.78 -0.40
C PHE B 34 -2.34 14.42 0.85
N GLU B 35 -1.72 14.65 2.01
CA GLU B 35 -2.30 14.40 3.31
C GLU B 35 -3.58 15.21 3.47
N GLY B 36 -3.51 16.50 3.13
CA GLY B 36 -4.66 17.35 3.20
C GLY B 36 -5.84 16.69 2.49
N ARG B 37 -5.66 16.46 1.18
CA ARG B 37 -6.66 15.89 0.29
C ARG B 37 -7.16 14.56 0.84
N LEU B 38 -6.23 13.75 1.35
CA LEU B 38 -6.58 12.47 1.95
C LEU B 38 -7.54 12.71 3.11
N SER B 39 -7.27 13.68 3.98
CA SER B 39 -8.13 13.92 5.15
C SER B 39 -9.56 14.28 4.74
N ARG B 40 -9.69 15.24 3.80
CA ARG B 40 -10.97 15.66 3.24
C ARG B 40 -11.68 14.43 2.67
N ALA B 41 -11.03 13.76 1.71
CA ALA B 41 -11.63 12.61 1.02
C ALA B 41 -12.05 11.52 2.01
N LEU B 42 -11.39 11.49 3.17
CA LEU B 42 -11.59 10.44 4.15
C LEU B 42 -12.76 10.77 5.08
N ARG B 43 -12.80 12.00 5.62
CA ARG B 43 -13.95 12.38 6.43
C ARG B 43 -15.19 12.27 5.54
N ASP B 44 -15.06 12.85 4.34
CA ASP B 44 -16.10 12.97 3.33
C ASP B 44 -16.56 11.59 2.86
N ALA B 45 -15.60 10.67 2.68
CA ALA B 45 -15.92 9.30 2.33
C ALA B 45 -16.74 8.63 3.44
N ASN B 46 -16.36 8.84 4.70
CA ASN B 46 -17.09 8.34 5.86
C ASN B 46 -18.54 8.82 5.84
N GLU B 47 -18.75 10.14 5.69
CA GLU B 47 -20.11 10.66 5.55
C GLU B 47 -20.88 9.90 4.47
N HIS B 48 -20.34 9.73 3.28
CA HIS B 48 -21.14 9.06 2.22
C HIS B 48 -21.10 7.54 2.33
N ARG B 49 -20.33 7.00 3.29
CA ARG B 49 -20.16 5.54 3.47
C ARG B 49 -19.61 4.88 2.20
N GLU B 50 -18.68 5.56 1.52
CA GLU B 50 -18.01 5.10 0.29
C GLU B 50 -16.61 4.61 0.64
N GLN B 51 -15.82 4.22 -0.37
CA GLN B 51 -14.43 3.79 -0.08
C GLN B 51 -13.45 4.65 -0.85
N LEU B 52 -12.18 4.58 -0.44
CA LEU B 52 -11.05 5.19 -1.13
C LEU B 52 -9.79 4.36 -0.93
N ALA B 53 -8.86 4.48 -1.87
CA ALA B 53 -7.62 3.73 -1.79
C ALA B 53 -6.45 4.70 -1.84
N VAL B 54 -5.38 4.32 -1.12
CA VAL B 54 -4.08 4.95 -1.22
C VAL B 54 -3.09 3.97 -1.85
N LEU B 55 -2.31 4.49 -2.80
CA LEU B 55 -1.30 3.70 -3.51
C LEU B 55 0.06 4.33 -3.25
N PHE B 56 1.02 3.51 -2.77
CA PHE B 56 2.42 3.91 -2.70
C PHE B 56 3.17 3.25 -3.84
N ILE B 57 3.74 4.09 -4.70
CA ILE B 57 4.33 3.61 -5.94
C ILE B 57 5.82 3.94 -5.91
N ASP B 58 6.64 2.96 -6.29
CA ASP B 58 8.07 3.15 -6.25
C ASP B 58 8.65 2.54 -7.53
N SER B 59 9.56 3.26 -8.18
CA SER B 59 10.17 2.79 -9.41
C SER B 59 11.20 1.68 -9.13
N ASP B 60 11.35 0.77 -10.10
CA ASP B 60 12.24 -0.36 -9.91
C ASP B 60 13.61 -0.09 -10.54
N ARG B 61 14.66 -0.45 -9.78
CA ARG B 61 16.06 -0.31 -10.14
C ARG B 61 16.38 1.13 -10.57
N PHE B 62 16.02 2.10 -9.73
CA PHE B 62 16.17 3.51 -10.10
C PHE B 62 17.62 3.93 -9.95
N LYS B 63 18.26 3.45 -8.87
CA LYS B 63 19.66 3.75 -8.59
C LYS B 63 20.52 3.26 -9.76
N GLU B 64 20.34 1.99 -10.16
CA GLU B 64 21.03 1.41 -11.31
C GLU B 64 21.03 2.41 -12.47
N ILE B 65 19.85 2.87 -12.88
CA ILE B 65 19.64 3.76 -14.01
C ILE B 65 20.42 5.08 -13.82
N ASN B 66 20.32 5.63 -12.62
CA ASN B 66 20.95 6.91 -12.33
C ASN B 66 22.47 6.80 -12.38
N ASP B 67 23.00 5.71 -11.81
CA ASP B 67 24.42 5.41 -11.88
C ASP B 67 24.84 5.23 -13.33
N ARG B 68 24.24 4.24 -14.01
CA ARG B 68 24.67 3.84 -15.35
C ARG B 68 24.49 4.97 -16.37
N LEU B 69 23.42 5.80 -16.28
CA LEU B 69 23.12 6.72 -17.39
C LEU B 69 23.04 8.19 -16.95
N GLY B 70 23.15 8.43 -15.63
CA GLY B 70 23.31 9.79 -15.12
C GLY B 70 21.98 10.50 -14.90
N HIS B 71 21.96 11.37 -13.88
CA HIS B 71 20.77 11.96 -13.30
C HIS B 71 19.75 12.44 -14.34
N ALA B 72 20.23 13.03 -15.46
CA ALA B 72 19.30 13.58 -16.44
C ALA B 72 18.41 12.49 -17.03
N ALA B 73 18.99 11.32 -17.27
CA ALA B 73 18.29 10.14 -17.74
C ALA B 73 17.17 9.76 -16.76
N GLY B 74 17.53 9.69 -15.47
CA GLY B 74 16.61 9.35 -14.40
C GLY B 74 15.48 10.38 -14.27
N ASP B 75 15.83 11.66 -14.45
CA ASP B 75 14.84 12.74 -14.54
C ASP B 75 13.83 12.45 -15.65
N THR B 76 14.30 11.95 -16.80
CA THR B 76 13.42 11.65 -17.90
C THR B 76 12.45 10.55 -17.47
N VAL B 77 13.03 9.48 -16.90
CA VAL B 77 12.28 8.34 -16.43
C VAL B 77 11.14 8.84 -15.53
N LEU B 78 11.45 9.64 -14.51
CA LEU B 78 10.49 10.13 -13.53
C LEU B 78 9.34 10.86 -14.21
N VAL B 79 9.67 11.64 -15.22
CA VAL B 79 8.69 12.45 -15.91
C VAL B 79 7.71 11.54 -16.64
N ASN B 80 8.24 10.45 -17.21
CA ASN B 80 7.41 9.47 -17.89
C ASN B 80 6.53 8.74 -16.88
N ILE B 81 7.14 8.25 -15.80
CA ILE B 81 6.39 7.66 -14.72
C ILE B 81 5.19 8.54 -14.34
N ALA B 82 5.43 9.83 -14.06
CA ALA B 82 4.33 10.69 -13.64
C ALA B 82 3.30 10.84 -14.75
N MET B 83 3.74 11.03 -16.00
CA MET B 83 2.79 11.15 -17.10
C MET B 83 1.92 9.89 -17.14
N ARG B 84 2.57 8.72 -17.08
CA ARG B 84 1.91 7.44 -17.22
C ARG B 84 0.90 7.22 -16.10
N ILE B 85 1.26 7.61 -14.88
CA ILE B 85 0.35 7.54 -13.74
C ILE B 85 -0.83 8.49 -13.99
N ARG B 86 -0.53 9.77 -14.27
CA ARG B 86 -1.61 10.73 -14.45
C ARG B 86 -2.57 10.18 -15.51
N GLY B 87 -1.98 9.49 -16.50
CA GLY B 87 -2.67 8.93 -17.65
C GLY B 87 -3.78 7.98 -17.26
N GLN B 88 -3.73 7.51 -16.01
CA GLN B 88 -4.58 6.40 -15.64
C GLN B 88 -5.58 6.79 -14.55
N LEU B 89 -5.60 8.07 -14.17
CA LEU B 89 -6.43 8.46 -13.04
C LEU B 89 -7.61 9.28 -13.52
N ARG B 90 -8.70 9.23 -12.75
CA ARG B 90 -9.88 10.04 -12.98
C ARG B 90 -9.58 11.48 -12.56
N GLU B 91 -10.34 12.44 -13.10
CA GLU B 91 -10.20 13.85 -12.74
C GLU B 91 -10.28 13.97 -11.21
N SER B 92 -10.87 12.95 -10.59
CA SER B 92 -11.19 12.94 -9.18
C SER B 92 -9.96 12.62 -8.31
N ASP B 93 -8.99 11.92 -8.92
CA ASP B 93 -7.92 11.24 -8.18
C ASP B 93 -6.72 12.17 -7.96
N LEU B 94 -5.66 11.68 -7.31
CA LEU B 94 -4.51 12.54 -7.02
C LEU B 94 -3.18 11.79 -7.11
N VAL B 95 -2.21 12.37 -7.83
CA VAL B 95 -0.83 11.90 -7.75
C VAL B 95 0.01 12.99 -7.08
N ALA B 96 0.79 12.57 -6.08
CA ALA B 96 1.76 13.47 -5.47
C ALA B 96 3.13 12.81 -5.51
N ARG B 97 4.19 13.62 -5.64
CA ARG B 97 5.53 13.08 -5.51
C ARG B 97 5.98 13.10 -4.06
N LEU B 98 6.53 11.97 -3.64
CA LEU B 98 6.92 11.71 -2.26
C LEU B 98 8.40 12.02 -2.07
N GLY B 99 9.13 12.26 -3.16
CA GLY B 99 10.57 12.35 -3.10
C GLY B 99 11.19 11.27 -3.97
N GLY B 100 12.11 11.69 -4.85
CA GLY B 100 12.76 10.81 -5.79
C GLY B 100 11.80 9.86 -6.52
N ASP B 101 12.16 8.59 -6.44
CA ASP B 101 11.58 7.41 -7.04
C ASP B 101 10.09 7.24 -6.75
N GLU B 102 9.60 7.82 -5.64
CA GLU B 102 8.39 7.38 -4.96
C GLU B 102 7.24 8.39 -5.15
N PHE B 103 6.03 7.85 -5.35
CA PHE B 103 4.83 8.66 -5.50
C PHE B 103 3.65 8.07 -4.72
N ALA B 104 2.69 8.95 -4.41
CA ALA B 104 1.48 8.55 -3.71
C ALA B 104 0.27 8.88 -4.56
N VAL B 105 -0.68 7.95 -4.58
CA VAL B 105 -1.89 8.13 -5.34
C VAL B 105 -3.10 7.98 -4.44
N LEU B 106 -4.04 8.95 -4.56
CA LEU B 106 -5.32 8.94 -3.91
C LEU B 106 -6.38 8.57 -4.96
N LEU B 107 -7.05 7.42 -4.77
CA LEU B 107 -8.18 7.00 -5.58
C LEU B 107 -9.44 7.17 -4.75
N ALA B 108 -10.18 8.26 -5.04
CA ALA B 108 -11.44 8.60 -4.40
C ALA B 108 -12.31 9.30 -5.42
N PRO B 109 -13.65 9.05 -5.44
CA PRO B 109 -14.25 8.03 -4.58
C PRO B 109 -14.09 6.65 -5.23
N LEU B 110 -14.40 5.62 -4.47
CA LEU B 110 -14.24 4.27 -5.03
C LEU B 110 -15.45 3.43 -4.67
N ALA B 111 -15.91 2.62 -5.61
CA ALA B 111 -16.99 1.69 -5.38
C ALA B 111 -16.47 0.39 -4.78
N SER B 112 -15.26 -0.03 -5.19
CA SER B 112 -14.76 -1.34 -4.81
C SER B 112 -13.24 -1.33 -4.71
N GLY B 113 -12.73 -2.21 -3.84
CA GLY B 113 -11.30 -2.47 -3.82
C GLY B 113 -10.88 -2.96 -5.19
N ALA B 114 -11.81 -3.65 -5.83
CA ALA B 114 -11.60 -4.12 -7.18
C ALA B 114 -11.15 -2.94 -8.05
N ASP B 115 -11.79 -1.78 -7.88
CA ASP B 115 -11.45 -0.62 -8.68
C ASP B 115 -9.98 -0.29 -8.49
N ALA B 116 -9.55 -0.29 -7.21
CA ALA B 116 -8.20 0.02 -6.78
C ALA B 116 -7.22 -0.92 -7.47
N LEU B 117 -7.52 -2.22 -7.41
CA LEU B 117 -6.61 -3.16 -8.03
C LEU B 117 -6.58 -2.94 -9.53
N ARG B 118 -7.73 -2.68 -10.14
CA ARG B 118 -7.76 -2.45 -11.60
C ARG B 118 -6.86 -1.28 -11.94
N ILE B 119 -7.02 -0.16 -11.26
CA ILE B 119 -6.19 1.01 -11.53
C ILE B 119 -4.70 0.68 -11.33
N ALA B 120 -4.34 0.14 -10.17
CA ALA B 120 -2.96 -0.28 -9.96
C ALA B 120 -2.49 -1.12 -11.15
N ASP B 121 -3.27 -2.13 -11.54
CA ASP B 121 -2.91 -3.01 -12.63
C ASP B 121 -2.55 -2.22 -13.89
N ASN B 122 -3.30 -1.13 -14.13
CA ASN B 122 -3.20 -0.35 -15.35
C ASN B 122 -1.93 0.49 -15.30
N ILE B 123 -1.70 1.12 -14.14
CA ILE B 123 -0.46 1.83 -13.93
C ILE B 123 0.68 0.84 -14.22
N ILE B 124 0.62 -0.36 -13.63
CA ILE B 124 1.66 -1.35 -13.92
C ILE B 124 1.76 -1.63 -15.43
N ALA B 125 0.61 -1.76 -16.10
CA ALA B 125 0.59 -2.00 -17.55
C ALA B 125 1.36 -0.91 -18.28
N SER B 126 1.08 0.35 -17.93
CA SER B 126 1.59 1.47 -18.72
C SER B 126 3.12 1.49 -18.72
N MET B 127 3.71 0.77 -17.77
CA MET B 127 5.17 0.73 -17.66
C MET B 127 5.78 -0.34 -18.56
N GLN B 128 4.95 -1.13 -19.24
CA GLN B 128 5.49 -2.17 -20.10
C GLN B 128 6.13 -1.51 -21.32
N ALA B 129 5.72 -0.26 -21.62
CA ALA B 129 6.30 0.53 -22.71
C ALA B 129 7.66 1.09 -22.29
N PRO B 130 8.69 0.99 -23.16
CA PRO B 130 9.99 1.58 -22.88
C PRO B 130 9.91 3.11 -22.90
N ILE B 131 10.92 3.75 -22.32
CA ILE B 131 11.01 5.20 -22.24
C ILE B 131 12.14 5.67 -23.15
N ARG B 132 11.83 6.67 -24.02
CA ARG B 132 12.79 7.33 -24.90
C ARG B 132 13.53 8.39 -24.10
N LEU B 133 14.87 8.33 -24.13
CA LEU B 133 15.72 9.30 -23.48
C LEU B 133 16.07 10.41 -24.48
N SER B 134 16.69 11.49 -23.96
CA SER B 134 17.06 12.67 -24.73
C SER B 134 17.74 12.28 -26.04
N ASP B 135 18.73 11.39 -25.95
CA ASP B 135 19.50 10.91 -27.08
C ASP B 135 18.69 9.99 -27.99
N GLY B 136 17.71 9.28 -27.43
CA GLY B 136 16.86 8.42 -28.24
C GLY B 136 17.17 6.94 -28.01
N SER B 137 17.97 6.65 -26.98
CA SER B 137 18.04 5.31 -26.43
C SER B 137 16.89 5.12 -25.43
N THR B 138 16.71 3.87 -25.00
CA THR B 138 15.45 3.38 -24.46
C THR B 138 15.71 2.72 -23.10
N VAL B 139 14.80 2.91 -22.13
CA VAL B 139 14.93 2.21 -20.86
C VAL B 139 13.60 1.56 -20.49
N SER B 140 13.65 0.56 -19.59
CA SER B 140 12.46 -0.20 -19.22
C SER B 140 12.48 -0.60 -17.75
N THR B 141 12.05 0.30 -16.85
CA THR B 141 11.79 -0.14 -15.49
C THR B 141 10.33 -0.57 -15.37
N SER B 142 9.97 -0.87 -14.13
CA SER B 142 8.61 -1.16 -13.72
C SER B 142 8.35 -0.45 -12.40
N LEU B 143 7.16 -0.68 -11.85
CA LEU B 143 6.73 0.02 -10.64
C LEU B 143 6.24 -1.01 -9.64
N THR B 144 6.53 -0.74 -8.37
CA THR B 144 6.00 -1.56 -7.32
C THR B 144 4.96 -0.73 -6.55
N ILE B 145 3.79 -1.33 -6.37
CA ILE B 145 2.68 -0.59 -5.80
C ILE B 145 2.13 -1.31 -4.58
N GLY B 146 1.92 -0.52 -3.53
CA GLY B 146 1.31 -1.00 -2.31
C GLY B 146 -0.01 -0.28 -2.08
N ILE B 147 -1.07 -1.06 -1.84
CA ILE B 147 -2.43 -0.53 -1.86
C ILE B 147 -2.98 -0.65 -0.44
N ALA B 148 -3.48 0.47 0.08
CA ALA B 148 -4.22 0.45 1.33
C ALA B 148 -5.64 0.97 1.10
N LEU B 149 -6.63 0.16 1.50
CA LEU B 149 -8.05 0.44 1.30
C LEU B 149 -8.68 1.03 2.55
N TYR B 150 -9.69 1.86 2.31
CA TYR B 150 -10.54 2.37 3.41
C TYR B 150 -11.94 1.84 3.12
N PRO B 151 -12.66 1.25 4.09
CA PRO B 151 -12.22 1.10 5.45
C PRO B 151 -11.67 -0.29 5.74
N GLU B 152 -11.42 -1.08 4.70
CA GLU B 152 -10.96 -2.46 4.94
C GLU B 152 -9.66 -2.46 5.73
N HIS B 153 -8.71 -1.57 5.39
CA HIS B 153 -7.39 -1.61 6.08
C HIS B 153 -7.28 -0.62 7.24
N ALA B 154 -7.70 0.63 7.06
CA ALA B 154 -7.56 1.62 8.15
C ALA B 154 -8.52 2.78 7.95
N ASP B 155 -8.73 3.60 8.99
CA ASP B 155 -9.70 4.71 8.92
C ASP B 155 -9.03 6.07 9.09
N THR B 156 -7.71 6.15 9.20
CA THR B 156 -7.07 7.47 9.37
C THR B 156 -5.99 7.65 8.31
N PRO B 157 -5.65 8.88 7.91
CA PRO B 157 -4.65 9.11 6.89
C PRO B 157 -3.29 8.57 7.32
N ALA B 158 -2.96 8.75 8.60
CA ALA B 158 -1.65 8.30 9.08
C ALA B 158 -1.52 6.80 8.88
N ALA B 159 -2.57 6.06 9.23
CA ALA B 159 -2.56 4.59 9.13
C ALA B 159 -2.58 4.18 7.67
N LEU B 160 -3.43 4.79 6.85
CA LEU B 160 -3.50 4.39 5.43
C LEU B 160 -2.13 4.56 4.78
N LEU B 161 -1.52 5.72 4.96
CA LEU B 161 -0.21 5.97 4.38
C LEU B 161 0.77 4.92 4.85
N HIS B 162 0.81 4.70 6.18
CA HIS B 162 1.75 3.74 6.71
C HIS B 162 1.57 2.39 6.00
N ASP B 163 0.32 1.92 5.90
CA ASP B 163 -0.02 0.59 5.45
C ASP B 163 0.30 0.43 3.96
N ALA B 164 -0.15 1.39 3.14
CA ALA B 164 0.21 1.41 1.74
C ALA B 164 1.73 1.31 1.58
N ASP B 165 2.45 2.22 2.27
CA ASP B 165 3.89 2.23 2.40
C ASP B 165 4.47 0.84 2.67
N MET B 166 3.95 0.15 3.70
CA MET B 166 4.56 -1.10 4.14
C MET B 166 4.34 -2.19 3.10
N ALA B 167 3.12 -2.21 2.54
CA ALA B 167 2.70 -3.12 1.48
C ALA B 167 3.68 -3.02 0.31
N MET B 168 3.94 -1.77 -0.08
CA MET B 168 4.95 -1.46 -1.08
C MET B 168 6.33 -2.04 -0.69
N TYR B 169 6.75 -1.89 0.57
CA TYR B 169 8.03 -2.48 0.91
C TYR B 169 8.00 -3.98 0.62
N ILE B 170 7.04 -4.67 1.27
CA ILE B 170 6.91 -6.10 1.16
C ILE B 170 6.86 -6.51 -0.31
N ALA B 171 6.11 -5.77 -1.12
CA ALA B 171 5.97 -6.10 -2.53
C ALA B 171 7.33 -6.03 -3.24
N LYS B 172 8.19 -5.04 -2.92
CA LYS B 172 9.54 -5.01 -3.49
C LYS B 172 10.29 -6.26 -3.04
N ARG B 173 10.27 -6.52 -1.71
CA ARG B 173 10.93 -7.70 -1.14
C ARG B 173 10.48 -8.98 -1.84
N GLN B 174 9.21 -9.07 -2.26
CA GLN B 174 8.65 -10.30 -2.82
C GLN B 174 8.80 -10.38 -4.34
N ALA B 175 8.27 -9.42 -5.08
CA ALA B 175 8.27 -9.54 -6.53
C ALA B 175 8.13 -8.17 -7.20
N ARG B 176 9.24 -7.62 -7.68
CA ARG B 176 9.27 -6.27 -8.25
C ARG B 176 8.40 -6.21 -9.51
N GLY B 177 7.66 -5.10 -9.68
CA GLY B 177 6.81 -4.89 -10.84
C GLY B 177 5.39 -5.37 -10.59
N SER B 178 5.02 -5.43 -9.31
CA SER B 178 3.74 -5.92 -8.89
C SER B 178 3.03 -4.90 -8.00
N ARG B 179 1.79 -5.25 -7.65
CA ARG B 179 0.99 -4.48 -6.73
C ARG B 179 0.60 -5.45 -5.63
N ARG B 180 0.39 -4.93 -4.41
CA ARG B 180 0.12 -5.78 -3.27
C ARG B 180 -0.82 -5.02 -2.34
N LEU B 181 -1.87 -5.70 -1.85
CA LEU B 181 -2.77 -5.09 -0.88
C LEU B 181 -2.14 -5.21 0.51
N ALA B 182 -2.29 -4.16 1.33
CA ALA B 182 -2.01 -4.29 2.75
C ALA B 182 -2.75 -5.52 3.31
N GLU B 183 -2.07 -6.26 4.19
CA GLU B 183 -2.69 -7.36 4.91
C GLU B 183 -2.68 -7.02 6.39
N LEU B 184 -3.64 -7.61 7.12
CA LEU B 184 -3.75 -7.51 8.57
C LEU B 184 -2.49 -8.08 9.25
N ASN B 185 -1.82 -9.04 8.60
CA ASN B 185 -0.66 -9.77 9.13
C ASN B 185 0.66 -9.18 8.62
N ASP B 186 0.59 -7.97 8.03
CA ASP B 186 1.71 -7.23 7.47
C ASP B 186 2.79 -6.96 8.54
N PRO B 187 2.46 -6.34 9.70
CA PRO B 187 3.45 -6.10 10.77
C PRO B 187 4.26 -7.32 11.25
N ARG B 188 3.66 -8.52 11.19
CA ARG B 188 4.31 -9.77 11.54
C ARG B 188 5.24 -10.19 10.39
N ILE B 189 4.76 -10.04 9.14
CA ILE B 189 5.55 -10.36 7.95
C ILE B 189 6.86 -9.57 7.97
N LEU B 190 6.78 -8.28 8.36
CA LEU B 190 7.94 -7.42 8.49
C LEU B 190 9.02 -8.11 9.33
N GLN B 191 8.66 -8.48 10.56
CA GLN B 191 9.53 -9.25 11.45
C GLN B 191 9.80 -10.63 10.83
N HIS C 21 33.50 17.69 17.77
CA HIS C 21 34.00 16.65 18.72
C HIS C 21 33.70 15.26 18.17
N HIS C 22 34.75 14.53 17.76
CA HIS C 22 34.61 13.24 17.10
C HIS C 22 35.40 12.17 17.86
N ASP C 23 34.75 11.03 18.15
CA ASP C 23 35.41 9.95 18.86
C ASP C 23 36.65 9.52 18.08
N SER C 24 37.68 9.13 18.82
CA SER C 24 38.98 8.92 18.20
C SER C 24 39.05 7.57 17.49
N LEU C 25 38.23 6.59 17.86
CA LEU C 25 38.39 5.27 17.28
C LEU C 25 37.73 5.16 15.90
N THR C 26 36.65 5.93 15.67
CA THR C 26 35.90 5.78 14.42
C THR C 26 35.68 7.12 13.75
N SER C 27 36.10 8.20 14.44
CA SER C 27 36.06 9.57 13.94
C SER C 27 34.64 10.08 13.82
N LEU C 28 33.69 9.28 14.32
CA LEU C 28 32.26 9.59 14.28
C LEU C 28 31.90 10.56 15.40
N PRO C 29 30.86 11.40 15.21
CA PRO C 29 30.40 12.30 16.28
C PRO C 29 29.57 11.65 17.39
N ASN C 30 29.30 12.43 18.44
CA ASN C 30 28.73 11.94 19.69
C ASN C 30 27.24 12.28 19.75
N ARG C 31 26.54 11.63 20.69
CA ARG C 31 25.11 11.85 20.81
C ARG C 31 24.76 13.33 20.74
N ALA C 32 25.49 14.16 21.50
CA ALA C 32 25.20 15.59 21.64
C ALA C 32 24.88 16.20 20.28
N PHE C 33 25.64 15.75 19.27
CA PHE C 33 25.62 16.32 17.95
C PHE C 33 24.38 15.80 17.22
N PHE C 34 24.21 14.47 17.34
CA PHE C 34 23.16 13.70 16.68
C PHE C 34 21.80 14.22 17.12
N GLU C 35 21.57 14.30 18.43
CA GLU C 35 20.43 15.02 18.97
C GLU C 35 20.26 16.34 18.22
N GLY C 36 21.37 17.07 18.06
CA GLY C 36 21.37 18.38 17.43
C GLY C 36 20.77 18.34 16.03
N ARG C 37 21.37 17.50 15.18
CA ARG C 37 20.91 17.28 13.81
C ARG C 37 19.45 16.82 13.78
N LEU C 38 19.14 15.70 14.44
CA LEU C 38 17.79 15.17 14.54
C LEU C 38 16.79 16.29 14.85
N SER C 39 17.10 17.09 15.89
CA SER C 39 16.25 18.18 16.30
C SER C 39 15.84 19.05 15.11
N ARG C 40 16.85 19.37 14.27
CA ARG C 40 16.70 20.22 13.09
C ARG C 40 15.92 19.49 12.01
N ALA C 41 16.46 18.35 11.55
CA ALA C 41 15.87 17.49 10.53
C ALA C 41 14.39 17.26 10.78
N LEU C 42 14.02 17.27 12.07
CA LEU C 42 12.63 17.06 12.44
C LEU C 42 11.79 18.29 12.11
N ARG C 43 12.38 19.46 12.31
CA ARG C 43 11.71 20.74 12.01
C ARG C 43 11.64 20.87 10.50
N ASP C 44 12.72 20.53 9.80
CA ASP C 44 12.72 20.64 8.31
C ASP C 44 11.64 19.73 7.76
N ALA C 45 11.54 18.50 8.28
CA ALA C 45 10.54 17.50 7.82
C ALA C 45 9.13 17.96 8.15
N ASN C 46 8.92 18.54 9.33
CA ASN C 46 7.56 18.99 9.71
C ASN C 46 7.08 20.06 8.73
N GLU C 47 7.95 20.99 8.35
CA GLU C 47 7.53 22.09 7.45
C GLU C 47 7.01 21.51 6.14
N HIS C 48 7.69 20.52 5.59
CA HIS C 48 7.23 19.90 4.32
C HIS C 48 6.33 18.70 4.62
N ARG C 49 6.05 18.43 5.90
CA ARG C 49 5.22 17.27 6.33
C ARG C 49 5.83 16.01 5.74
N GLU C 50 7.15 15.85 5.87
CA GLU C 50 7.88 14.72 5.27
C GLU C 50 8.15 13.67 6.34
N GLN C 51 8.93 12.67 5.97
CA GLN C 51 9.30 11.52 6.80
C GLN C 51 10.81 11.49 7.10
N LEU C 52 11.16 11.03 8.31
CA LEU C 52 12.52 10.66 8.68
C LEU C 52 12.54 9.49 9.65
N ALA C 53 13.72 8.89 9.81
CA ALA C 53 13.89 7.64 10.56
C ALA C 53 15.10 7.76 11.46
N VAL C 54 14.99 7.21 12.67
CA VAL C 54 16.15 7.04 13.52
C VAL C 54 16.43 5.55 13.65
N LEU C 55 17.71 5.22 13.54
CA LEU C 55 18.18 3.85 13.61
C LEU C 55 19.05 3.66 14.84
N PHE C 56 18.91 2.49 15.49
CA PHE C 56 19.75 2.11 16.60
C PHE C 56 20.40 0.78 16.30
N ILE C 57 21.73 0.82 16.20
CA ILE C 57 22.49 -0.32 15.75
C ILE C 57 23.37 -0.77 16.92
N ASP C 58 23.37 -2.07 17.17
CA ASP C 58 24.21 -2.64 18.22
C ASP C 58 24.76 -3.93 17.63
N SER C 59 26.06 -4.09 17.48
CA SER C 59 26.48 -5.36 16.83
C SER C 59 26.37 -6.51 17.81
N ASP C 60 26.23 -7.69 17.25
CA ASP C 60 26.05 -8.90 18.07
C ASP C 60 27.39 -9.57 18.34
N ARG C 61 27.40 -10.30 19.44
CA ARG C 61 28.48 -11.18 19.85
C ARG C 61 29.76 -10.37 20.08
N PHE C 62 29.62 -9.17 20.65
CA PHE C 62 30.73 -8.24 20.76
C PHE C 62 31.67 -8.65 21.88
N LYS C 63 31.12 -8.82 23.10
CA LYS C 63 31.86 -9.33 24.24
C LYS C 63 32.60 -10.60 23.83
N GLU C 64 31.89 -11.58 23.23
CA GLU C 64 32.48 -12.87 22.85
C GLU C 64 33.69 -12.70 21.93
N ILE C 65 33.63 -11.70 21.04
CA ILE C 65 34.72 -11.38 20.12
C ILE C 65 35.91 -10.83 20.91
N ASN C 66 35.65 -9.85 21.79
CA ASN C 66 36.71 -9.26 22.60
C ASN C 66 37.45 -10.32 23.41
N ASP C 67 36.69 -11.20 24.05
CA ASP C 67 37.25 -12.24 24.88
C ASP C 67 38.03 -13.24 24.03
N ARG C 68 37.40 -13.82 22.99
CA ARG C 68 38.04 -14.85 22.18
C ARG C 68 39.07 -14.31 21.18
N LEU C 69 39.18 -12.98 20.96
CA LEU C 69 40.11 -12.40 19.98
C LEU C 69 40.82 -11.11 20.45
N GLY C 70 40.29 -10.39 21.47
CA GLY C 70 41.11 -9.34 22.06
C GLY C 70 40.75 -7.94 21.60
N HIS C 71 40.95 -6.97 22.50
CA HIS C 71 40.31 -5.67 22.48
C HIS C 71 40.62 -4.89 21.20
N ALA C 72 41.91 -4.78 20.87
CA ALA C 72 42.36 -4.08 19.67
C ALA C 72 41.78 -4.72 18.40
N ALA C 73 41.44 -6.03 18.45
CA ALA C 73 40.73 -6.68 17.35
C ALA C 73 39.27 -6.19 17.28
N GLY C 74 38.61 -6.18 18.44
CA GLY C 74 37.25 -5.66 18.54
C GLY C 74 37.16 -4.18 18.16
N ASP C 75 38.29 -3.46 18.25
CA ASP C 75 38.41 -2.11 17.72
C ASP C 75 38.36 -2.16 16.20
N THR C 76 39.14 -3.08 15.61
CA THR C 76 39.14 -3.34 14.16
C THR C 76 37.68 -3.45 13.72
N VAL C 77 36.95 -4.37 14.39
CA VAL C 77 35.55 -4.62 14.12
C VAL C 77 34.71 -3.34 14.28
N LEU C 78 34.88 -2.56 15.34
CA LEU C 78 34.07 -1.35 15.43
C LEU C 78 34.38 -0.41 14.26
N VAL C 79 35.65 -0.40 13.84
CA VAL C 79 36.08 0.51 12.79
C VAL C 79 35.40 0.11 11.49
N ASN C 80 35.49 -1.18 11.13
CA ASN C 80 34.82 -1.73 9.95
C ASN C 80 33.31 -1.53 10.00
N ILE C 81 32.72 -1.56 11.20
CA ILE C 81 31.28 -1.32 11.32
C ILE C 81 30.99 0.14 10.98
N ALA C 82 31.71 1.08 11.59
CA ALA C 82 31.43 2.46 11.23
C ALA C 82 31.64 2.71 9.73
N MET C 83 32.71 2.11 9.17
CA MET C 83 32.98 2.25 7.75
C MET C 83 31.74 1.80 6.99
N ARG C 84 31.29 0.57 7.25
CA ARG C 84 30.21 -0.04 6.47
C ARG C 84 28.90 0.75 6.59
N ILE C 85 28.65 1.34 7.77
CA ILE C 85 27.44 2.15 7.93
C ILE C 85 27.59 3.43 7.12
N ARG C 86 28.73 4.12 7.22
CA ARG C 86 28.95 5.35 6.46
C ARG C 86 28.73 5.06 4.98
N GLY C 87 29.22 3.87 4.57
CA GLY C 87 29.19 3.42 3.20
C GLY C 87 27.78 3.27 2.65
N GLN C 88 26.77 3.28 3.53
CA GLN C 88 25.43 2.94 3.10
C GLN C 88 24.50 4.13 3.25
N LEU C 89 25.05 5.33 3.47
CA LEU C 89 24.16 6.45 3.73
C LEU C 89 24.24 7.50 2.62
N ARG C 90 23.19 8.32 2.49
CA ARG C 90 23.17 9.50 1.63
C ARG C 90 23.97 10.63 2.29
N GLU C 91 24.10 11.76 1.58
CA GLU C 91 24.90 12.89 2.05
C GLU C 91 24.19 13.52 3.24
N SER C 92 22.87 13.38 3.29
CA SER C 92 22.03 14.13 4.22
C SER C 92 21.90 13.39 5.55
N ASP C 93 22.42 12.15 5.56
CA ASP C 93 22.33 11.23 6.69
C ASP C 93 23.37 11.61 7.75
N LEU C 94 23.41 10.83 8.84
CA LEU C 94 24.33 11.01 9.96
C LEU C 94 24.56 9.63 10.56
N VAL C 95 25.80 9.28 10.88
CA VAL C 95 26.06 8.22 11.85
C VAL C 95 26.68 8.89 13.08
N ALA C 96 26.32 8.41 14.27
CA ALA C 96 27.00 8.84 15.47
C ALA C 96 27.44 7.59 16.23
N ARG C 97 28.47 7.74 17.08
CA ARG C 97 28.73 6.67 18.02
C ARG C 97 28.09 7.07 19.36
N LEU C 98 27.25 6.16 19.86
CA LEU C 98 26.51 6.38 21.12
C LEU C 98 27.46 6.05 22.26
N GLY C 99 27.88 4.79 22.28
CA GLY C 99 28.88 4.31 23.23
C GLY C 99 29.27 2.92 22.84
N GLY C 100 30.51 2.51 23.09
CA GLY C 100 30.86 1.11 22.86
C GLY C 100 30.56 0.60 21.47
N ASP C 101 29.77 -0.47 21.44
CA ASP C 101 29.41 -1.27 20.26
C ASP C 101 28.09 -0.75 19.68
N GLU C 102 27.61 0.40 20.14
CA GLU C 102 26.29 0.90 19.68
C GLU C 102 26.38 2.25 18.96
N PHE C 103 25.75 2.35 17.80
CA PHE C 103 25.72 3.59 16.99
C PHE C 103 24.30 4.03 16.71
N ALA C 104 24.14 5.30 16.37
CA ALA C 104 22.85 5.88 16.04
C ALA C 104 22.83 6.51 14.64
N VAL C 105 21.80 6.20 13.85
CA VAL C 105 21.77 6.68 12.47
C VAL C 105 20.57 7.58 12.31
N LEU C 106 20.75 8.71 11.60
CA LEU C 106 19.60 9.52 11.21
C LEU C 106 19.41 9.44 9.70
N LEU C 107 18.22 9.02 9.25
CA LEU C 107 17.86 9.10 7.86
C LEU C 107 16.85 10.24 7.71
N ALA C 108 17.26 11.22 6.88
CA ALA C 108 16.52 12.42 6.54
C ALA C 108 17.13 12.95 5.25
N PRO C 109 16.31 13.47 4.30
CA PRO C 109 14.86 13.37 4.39
C PRO C 109 14.48 12.01 3.83
N LEU C 110 13.22 11.59 4.04
CA LEU C 110 12.79 10.25 3.65
C LEU C 110 11.50 10.33 2.85
N ALA C 111 11.45 9.53 1.78
CA ALA C 111 10.27 9.52 0.92
C ALA C 111 9.18 8.68 1.58
N SER C 112 9.62 7.62 2.30
CA SER C 112 8.80 6.52 2.77
C SER C 112 9.50 5.73 3.88
N GLY C 113 8.69 5.21 4.81
CA GLY C 113 9.18 4.25 5.78
C GLY C 113 9.91 3.09 5.10
N ALA C 114 9.40 2.68 3.95
CA ALA C 114 9.95 1.59 3.16
C ALA C 114 11.42 1.89 2.85
N ASP C 115 11.73 3.17 2.70
CA ASP C 115 13.09 3.58 2.46
C ASP C 115 13.94 3.15 3.64
N ALA C 116 13.49 3.51 4.85
CA ALA C 116 14.18 3.19 6.09
C ALA C 116 14.54 1.70 6.11
N LEU C 117 13.51 0.85 6.14
CA LEU C 117 13.73 -0.58 6.07
C LEU C 117 14.75 -0.94 4.99
N ARG C 118 14.66 -0.33 3.79
CA ARG C 118 15.55 -0.76 2.72
C ARG C 118 16.99 -0.42 3.10
N ILE C 119 17.22 0.73 3.73
CA ILE C 119 18.58 1.10 4.10
C ILE C 119 19.08 0.14 5.17
N ALA C 120 18.21 -0.10 6.16
CA ALA C 120 18.52 -1.04 7.23
C ALA C 120 18.97 -2.37 6.61
N ASP C 121 18.19 -2.85 5.64
CA ASP C 121 18.46 -4.11 4.97
C ASP C 121 19.90 -4.11 4.48
N ASN C 122 20.32 -2.96 3.92
CA ASN C 122 21.62 -2.77 3.31
C ASN C 122 22.72 -2.83 4.35
N ILE C 123 22.61 -1.96 5.37
CA ILE C 123 23.54 -2.04 6.48
C ILE C 123 23.65 -3.48 6.98
N ILE C 124 22.54 -4.19 7.18
CA ILE C 124 22.66 -5.57 7.63
C ILE C 124 23.44 -6.39 6.60
N ALA C 125 23.00 -6.33 5.34
CA ALA C 125 23.58 -7.13 4.27
C ALA C 125 25.09 -6.95 4.26
N SER C 126 25.50 -5.68 4.42
CA SER C 126 26.88 -5.25 4.38
C SER C 126 27.77 -6.05 5.35
N MET C 127 27.17 -6.60 6.41
CA MET C 127 27.91 -7.28 7.45
C MET C 127 28.22 -8.71 7.06
N GLN C 128 27.67 -9.20 5.95
CA GLN C 128 27.91 -10.58 5.56
C GLN C 128 29.32 -10.75 4.99
N ALA C 129 30.12 -9.68 5.07
CA ALA C 129 31.43 -9.67 4.48
C ALA C 129 32.48 -9.86 5.57
N PRO C 130 33.13 -11.04 5.64
CA PRO C 130 34.15 -11.32 6.66
C PRO C 130 35.11 -10.15 6.83
N ILE C 131 35.34 -9.71 8.08
CA ILE C 131 36.33 -8.70 8.39
C ILE C 131 37.72 -9.34 8.56
N ARG C 132 38.75 -8.67 8.01
CA ARG C 132 40.12 -9.12 8.14
C ARG C 132 40.76 -8.45 9.35
N LEU C 133 41.39 -9.29 10.21
CA LEU C 133 42.04 -8.86 11.44
C LEU C 133 43.49 -8.46 11.17
N SER C 134 44.12 -7.78 12.15
CA SER C 134 45.49 -7.29 12.08
C SER C 134 46.46 -8.39 11.67
N ASP C 135 46.16 -9.63 12.06
CA ASP C 135 46.99 -10.80 11.83
C ASP C 135 46.48 -11.59 10.63
N GLY C 136 45.58 -10.98 9.85
CA GLY C 136 45.14 -11.57 8.60
C GLY C 136 44.11 -12.68 8.77
N SER C 137 43.63 -12.86 10.01
CA SER C 137 42.50 -13.74 10.26
C SER C 137 41.17 -13.00 10.02
N THR C 138 40.12 -13.79 9.85
CA THR C 138 38.84 -13.35 9.31
C THR C 138 37.78 -13.51 10.39
N VAL C 139 37.01 -12.43 10.67
CA VAL C 139 35.91 -12.39 11.65
C VAL C 139 34.58 -12.16 10.92
N SER C 140 33.51 -12.84 11.35
CA SER C 140 32.19 -12.64 10.74
C SER C 140 31.12 -12.31 11.79
N THR C 141 30.99 -11.03 12.17
CA THR C 141 29.93 -10.61 13.08
C THR C 141 28.66 -10.21 12.33
N SER C 142 27.64 -9.80 13.10
CA SER C 142 26.37 -9.32 12.59
C SER C 142 25.92 -8.05 13.32
N LEU C 143 24.80 -7.49 12.90
CA LEU C 143 24.30 -6.29 13.53
C LEU C 143 22.82 -6.45 13.82
N THR C 144 22.36 -5.83 14.92
CA THR C 144 20.93 -5.74 15.21
C THR C 144 20.51 -4.27 15.18
N ILE C 145 19.44 -3.99 14.43
CA ILE C 145 18.98 -2.63 14.17
C ILE C 145 17.53 -2.45 14.62
N GLY C 146 17.30 -1.38 15.39
CA GLY C 146 15.97 -0.94 15.77
C GLY C 146 15.62 0.34 15.03
N ILE C 147 14.40 0.42 14.47
CA ILE C 147 14.01 1.55 13.63
C ILE C 147 12.79 2.26 14.19
N ALA C 148 12.85 3.60 14.25
CA ALA C 148 11.69 4.40 14.61
C ALA C 148 11.47 5.47 13.55
N LEU C 149 10.19 5.68 13.19
CA LEU C 149 9.79 6.55 12.10
C LEU C 149 9.07 7.79 12.63
N TYR C 150 9.29 8.93 11.94
CA TYR C 150 8.51 10.14 12.06
C TYR C 150 7.59 10.26 10.84
N PRO C 151 6.26 10.51 11.00
CA PRO C 151 5.65 10.79 12.30
C PRO C 151 4.91 9.66 13.03
N GLU C 152 4.88 8.47 12.41
CA GLU C 152 4.26 7.26 12.94
C GLU C 152 4.60 7.05 14.42
N HIS C 153 5.88 6.84 14.73
CA HIS C 153 6.25 6.42 16.05
C HIS C 153 6.21 7.55 17.08
N ALA C 154 6.64 8.74 16.67
CA ALA C 154 6.87 9.83 17.61
C ALA C 154 7.16 11.11 16.84
N ASP C 155 7.06 12.25 17.53
CA ASP C 155 7.22 13.56 16.93
C ASP C 155 8.19 14.42 17.73
N THR C 156 9.06 13.80 18.53
CA THR C 156 10.11 14.51 19.24
C THR C 156 11.40 13.70 19.14
N PRO C 157 12.57 14.36 19.23
CA PRO C 157 13.85 13.63 19.23
C PRO C 157 13.95 12.57 20.33
N ALA C 158 13.48 12.94 21.54
CA ALA C 158 13.58 12.13 22.74
C ALA C 158 12.83 10.80 22.55
N ALA C 159 11.53 10.95 22.26
CA ALA C 159 10.64 9.86 21.90
C ALA C 159 11.29 8.99 20.82
N LEU C 160 11.61 9.65 19.70
CA LEU C 160 12.13 8.99 18.51
C LEU C 160 13.35 8.13 18.86
N LEU C 161 14.21 8.64 19.76
CA LEU C 161 15.40 7.91 20.17
C LEU C 161 15.05 6.70 21.01
N HIS C 162 14.31 6.97 22.10
CA HIS C 162 13.83 5.93 23.00
C HIS C 162 13.24 4.79 22.16
N ASP C 163 12.41 5.13 21.17
CA ASP C 163 11.61 4.14 20.46
C ASP C 163 12.49 3.20 19.63
N ALA C 164 13.56 3.74 19.05
CA ALA C 164 14.43 2.90 18.26
C ALA C 164 15.34 2.10 19.19
N ASP C 165 15.73 2.75 20.29
CA ASP C 165 16.44 2.09 21.38
C ASP C 165 15.71 0.78 21.71
N MET C 166 14.42 0.92 22.07
CA MET C 166 13.64 -0.19 22.58
C MET C 166 13.43 -1.21 21.47
N ALA C 167 13.11 -0.71 20.27
CA ALA C 167 12.93 -1.62 19.15
C ALA C 167 14.17 -2.49 19.03
N MET C 168 15.34 -1.88 19.28
CA MET C 168 16.60 -2.59 19.15
C MET C 168 16.72 -3.62 20.28
N TYR C 169 16.31 -3.24 21.51
CA TYR C 169 16.37 -4.21 22.59
C TYR C 169 15.54 -5.43 22.22
N ILE C 170 14.25 -5.16 21.95
CA ILE C 170 13.31 -6.19 21.59
C ILE C 170 13.93 -7.03 20.47
N ALA C 171 14.43 -6.33 19.44
CA ALA C 171 15.03 -6.96 18.28
C ALA C 171 16.08 -7.98 18.69
N LYS C 172 17.08 -7.57 19.44
CA LYS C 172 18.14 -8.52 19.87
C LYS C 172 17.52 -9.67 20.66
N ARG C 173 16.66 -9.37 21.62
CA ARG C 173 16.02 -10.42 22.39
C ARG C 173 15.30 -11.44 21.48
N GLN C 174 14.69 -10.99 20.38
CA GLN C 174 13.89 -11.91 19.58
C GLN C 174 14.71 -12.51 18.44
N ALA C 175 15.12 -11.66 17.50
CA ALA C 175 15.91 -12.11 16.36
C ALA C 175 17.17 -11.25 16.24
N ARG C 176 18.30 -11.78 16.76
CA ARG C 176 19.63 -11.15 16.64
C ARG C 176 20.10 -11.18 15.19
N GLY C 177 20.60 -10.04 14.69
CA GLY C 177 21.14 -9.93 13.35
C GLY C 177 20.15 -9.34 12.33
N SER C 178 19.07 -8.72 12.81
CA SER C 178 18.02 -8.24 11.93
C SER C 178 17.61 -6.82 12.31
N ARG C 179 16.47 -6.40 11.75
CA ARG C 179 16.01 -5.03 11.84
C ARG C 179 14.56 -5.06 12.28
N ARG C 180 14.19 -4.15 13.19
CA ARG C 180 12.84 -4.24 13.70
C ARG C 180 12.26 -2.83 13.90
N LEU C 181 11.02 -2.66 13.41
CA LEU C 181 10.27 -1.41 13.55
C LEU C 181 9.71 -1.33 14.96
N ALA C 182 9.76 -0.13 15.54
CA ALA C 182 9.07 0.09 16.79
C ALA C 182 7.58 -0.19 16.57
N GLU C 183 6.91 -0.75 17.57
CA GLU C 183 5.46 -0.81 17.52
C GLU C 183 4.85 0.20 18.50
N LEU C 184 3.50 0.24 18.53
CA LEU C 184 2.73 1.06 19.46
C LEU C 184 2.61 0.36 20.82
N ASN C 185 2.56 -0.98 20.79
CA ASN C 185 2.33 -1.83 21.96
C ASN C 185 3.65 -2.16 22.68
N ASP C 186 4.78 -1.56 22.25
CA ASP C 186 6.14 -1.97 22.60
C ASP C 186 6.41 -1.96 24.11
N PRO C 187 5.91 -0.98 24.91
CA PRO C 187 5.96 -1.09 26.37
C PRO C 187 5.49 -2.43 26.98
N ARG C 188 4.41 -3.03 26.44
CA ARG C 188 3.87 -4.29 26.97
C ARG C 188 4.77 -5.47 26.63
N ILE C 189 5.47 -5.40 25.49
CA ILE C 189 6.45 -6.41 25.06
C ILE C 189 7.72 -6.29 25.92
N LEU C 190 8.07 -5.07 26.34
CA LEU C 190 9.15 -4.86 27.29
C LEU C 190 8.81 -5.51 28.63
N GLN C 191 7.64 -5.16 29.18
CA GLN C 191 7.13 -5.69 30.44
C GLN C 191 7.09 -7.22 30.46
N GLU C 192 6.53 -7.85 29.41
CA GLU C 192 6.52 -9.31 29.28
C GLU C 192 7.62 -9.77 28.32
MG MG D . -16.82 -2.06 -15.80
MG MG E . 13.35 2.38 -6.00
MG MG F . 26.32 -6.21 21.95
#